data_4U80
#
_entry.id   4U80
#
_cell.length_a   81.899
_cell.length_b   81.899
_cell.length_c   129.240
_cell.angle_alpha   90.00
_cell.angle_beta   90.00
_cell.angle_gamma   120.00
#
_symmetry.space_group_name_H-M   'P 62'
#
loop_
_entity.id
_entity.type
_entity.pdbx_description
1 polymer 'Dual specificity mitogen-activated protein kinase kinase 1'
2 non-polymer 'PHOSPHOAMINOPHOSPHONIC ACID-ADENYLATE ESTER'
3 non-polymer 3-[(4-cyclopropyl-2-fluorophenyl)amino]-N-(2-hydroxyethoxy)furo[3,2-c]pyridine-2-carboxamide
4 non-polymer 'MAGNESIUM ION'
5 water water
#
_entity_poly.entity_id   1
_entity_poly.type   'polypeptide(L)'
_entity_poly.pdbx_seq_one_letter_code
;MELKDDDFEKISELGAGNGGVVFKVSHKPSGLVMARKLIHLEIKPAIRNQIIRELQVLHECNSPYIVGFYGAFYSDGEIS
ICMEHMDGGSLDQVLKKAGRIPEQILGKVSIAVIKGLTYLREKHKIMHRDVKPSNILVNSRGEIKLCDFGVSGQLIDSMA
NSFVGTRSYMSPERLQGTHYSVQSDIWSMGLSLVEMAVGRYPIPPPDAKELELMFGCQVEGDAAETPPRPRTPGRPLSSY
GMDSRPPMAIFELLDYIVNEPPPKLPSGVFSLEFQDFVNKCLIKNPAERADLKQLMVHAFIKRSDAEEVDFAGWLCSTIG
LNQPSTPTHAAGVLQHHHHHH
;
_entity_poly.pdbx_strand_id   A
#
loop_
_chem_comp.id
_chem_comp.type
_chem_comp.name
_chem_comp.formula
3EX non-polymer 3-[(4-cyclopropyl-2-fluorophenyl)amino]-N-(2-hydroxyethoxy)furo[3,2-c]pyridine-2-carboxamide 'C19 H18 F N3 O4'
ANP non-polymer 'PHOSPHOAMINOPHOSPHONIC ACID-ADENYLATE ESTER' 'C10 H17 N6 O12 P3'
MG non-polymer 'MAGNESIUM ION' 'Mg 2'
#
# COMPACT_ATOMS: atom_id res chain seq x y z
N MET A 1 17.10 -20.13 8.87
CA MET A 1 17.07 -21.23 7.93
C MET A 1 16.85 -20.72 6.49
N GLU A 2 17.43 -21.41 5.52
CA GLU A 2 17.33 -20.96 4.14
C GLU A 2 16.11 -21.54 3.46
N LEU A 3 15.47 -20.74 2.63
CA LEU A 3 14.30 -21.20 1.92
C LEU A 3 14.71 -21.61 0.51
N LYS A 4 14.13 -22.70 0.01
CA LYS A 4 14.30 -23.12 -1.39
C LYS A 4 13.01 -23.70 -1.98
N ASP A 5 12.89 -23.68 -3.30
CA ASP A 5 11.66 -24.05 -4.03
C ASP A 5 11.01 -25.41 -3.66
N ASP A 6 11.81 -26.44 -3.43
CA ASP A 6 11.26 -27.78 -3.22
C ASP A 6 10.76 -28.00 -1.79
N ASP A 7 11.13 -27.08 -0.91
CA ASP A 7 10.70 -27.12 0.47
C ASP A 7 9.31 -26.52 0.64
N PHE A 8 8.68 -26.14 -0.46
CA PHE A 8 7.37 -25.49 -0.40
C PHE A 8 6.32 -26.31 -1.09
N GLU A 9 5.07 -25.89 -0.92
CA GLU A 9 3.91 -26.65 -1.36
C GLU A 9 2.70 -25.71 -1.40
N LYS A 10 2.09 -25.55 -2.57
CA LYS A 10 0.97 -24.62 -2.73
C LYS A 10 -0.27 -25.05 -1.95
N ILE A 11 -0.92 -24.07 -1.32
CA ILE A 11 -2.19 -24.27 -0.63
C ILE A 11 -3.31 -23.69 -1.50
N SER A 12 -3.12 -22.44 -1.92
CA SER A 12 -4.04 -21.75 -2.82
C SER A 12 -3.35 -20.54 -3.45
N GLU A 13 -4.07 -19.77 -4.26
CA GLU A 13 -3.52 -18.54 -4.84
C GLU A 13 -4.18 -17.33 -4.18
N LEU A 14 -3.37 -16.36 -3.75
CA LEU A 14 -3.89 -15.20 -3.03
C LEU A 14 -4.33 -14.10 -3.99
N GLY A 15 -3.92 -14.22 -5.24
CA GLY A 15 -4.24 -13.24 -6.25
C GLY A 15 -2.99 -12.87 -7.01
N ALA A 16 -3.16 -12.04 -8.05
CA ALA A 16 -2.03 -11.51 -8.81
C ALA A 16 -2.17 -10.02 -9.06
N GLY A 17 -1.19 -9.49 -9.76
CA GLY A 17 -1.16 -8.09 -10.12
C GLY A 17 -0.29 -7.90 -11.34
N ASN A 18 0.03 -6.63 -11.61
CA ASN A 18 0.92 -6.26 -12.69
C ASN A 18 2.34 -6.72 -12.32
N GLY A 19 2.73 -7.90 -12.77
CA GLY A 19 4.10 -8.35 -12.65
C GLY A 19 4.35 -9.50 -11.68
N GLY A 20 3.50 -9.63 -10.67
CA GLY A 20 3.67 -10.64 -9.65
C GLY A 20 2.45 -11.48 -9.33
N VAL A 21 2.68 -12.71 -8.89
CA VAL A 21 1.59 -13.56 -8.40
C VAL A 21 1.97 -14.11 -7.03
N VAL A 22 0.96 -14.26 -6.18
CA VAL A 22 1.19 -14.59 -4.79
C VAL A 22 0.42 -15.82 -4.40
N PHE A 23 1.14 -16.78 -3.83
CA PHE A 23 0.50 -17.98 -3.33
C PHE A 23 0.55 -18.09 -1.80
N LYS A 24 -0.51 -18.67 -1.25
CA LYS A 24 -0.49 -19.17 0.13
C LYS A 24 0.20 -20.52 0.06
N VAL A 25 1.33 -20.64 0.75
CA VAL A 25 2.12 -21.86 0.64
C VAL A 25 2.50 -22.37 2.02
N SER A 26 2.72 -23.68 2.12
CA SER A 26 3.25 -24.28 3.34
C SER A 26 4.73 -24.57 3.18
N HIS A 27 5.54 -24.10 4.13
CA HIS A 27 6.96 -24.36 4.12
C HIS A 27 7.19 -25.66 4.86
N LYS A 28 7.22 -26.77 4.12
CA LYS A 28 7.28 -28.12 4.70
C LYS A 28 8.20 -28.29 5.93
N PRO A 29 9.43 -27.77 5.86
CA PRO A 29 10.39 -28.02 6.94
C PRO A 29 10.04 -27.35 8.28
N SER A 30 9.36 -26.22 8.22
CA SER A 30 9.04 -25.46 9.41
C SER A 30 7.60 -25.67 9.82
N GLY A 31 6.75 -25.95 8.83
CA GLY A 31 5.32 -26.08 9.02
C GLY A 31 4.62 -24.74 8.98
N LEU A 32 5.38 -23.70 8.69
CA LEU A 32 4.89 -22.34 8.68
C LEU A 32 4.05 -22.03 7.45
N VAL A 33 2.92 -21.38 7.65
CA VAL A 33 2.17 -20.86 6.49
C VAL A 33 2.68 -19.48 6.07
N MET A 34 2.93 -19.34 4.77
CA MET A 34 3.58 -18.15 4.29
C MET A 34 2.89 -17.67 3.05
N ALA A 35 3.08 -16.39 2.74
CA ALA A 35 2.71 -15.86 1.43
C ALA A 35 3.97 -15.78 0.61
N ARG A 36 3.92 -16.40 -0.56
CA ARG A 36 5.06 -16.42 -1.44
C ARG A 36 4.77 -15.66 -2.73
N LYS A 37 5.43 -14.52 -2.91
CA LYS A 37 5.26 -13.74 -4.14
C LYS A 37 6.32 -14.13 -5.14
N LEU A 38 5.88 -14.46 -6.35
CA LEU A 38 6.78 -14.79 -7.44
C LEU A 38 6.82 -13.67 -8.47
N ILE A 39 8.00 -13.25 -8.87
CA ILE A 39 8.11 -12.21 -9.87
C ILE A 39 8.90 -12.66 -11.08
N HIS A 40 8.23 -12.75 -12.23
CA HIS A 40 8.91 -13.19 -13.45
C HIS A 40 9.84 -12.12 -14.02
N LEU A 41 11.10 -12.49 -14.16
CA LEU A 41 12.12 -11.61 -14.73
C LEU A 41 13.13 -12.42 -15.54
N GLU A 42 13.32 -12.05 -16.79
CA GLU A 42 14.36 -12.68 -17.58
C GLU A 42 15.60 -11.82 -17.41
N ILE A 43 16.57 -12.32 -16.64
CA ILE A 43 17.67 -11.50 -16.16
C ILE A 43 18.92 -12.31 -15.86
N LYS A 44 20.08 -11.72 -16.14
CA LYS A 44 21.35 -12.44 -16.01
C LYS A 44 21.63 -12.75 -14.55
N PRO A 45 22.28 -13.90 -14.30
CA PRO A 45 22.60 -14.36 -12.95
C PRO A 45 23.35 -13.31 -12.12
N ALA A 46 23.99 -12.37 -12.78
CA ALA A 46 24.77 -11.36 -12.06
C ALA A 46 23.82 -10.46 -11.30
N ILE A 47 22.80 -10.00 -11.99
CA ILE A 47 21.89 -9.05 -11.37
C ILE A 47 20.87 -9.75 -10.47
N ARG A 48 20.46 -10.96 -10.86
CA ARG A 48 19.50 -11.69 -10.04
C ARG A 48 20.12 -12.03 -8.70
N ASN A 49 21.44 -12.00 -8.64
CA ASN A 49 22.12 -12.16 -7.37
C ASN A 49 22.07 -10.89 -6.56
N GLN A 50 22.24 -9.76 -7.24
CA GLN A 50 22.28 -8.48 -6.55
C GLN A 50 20.90 -8.21 -5.98
N ILE A 51 19.88 -8.58 -6.75
CA ILE A 51 18.50 -8.42 -6.31
C ILE A 51 18.25 -9.22 -5.05
N ILE A 52 18.61 -10.48 -5.10
CA ILE A 52 18.43 -11.35 -3.95
C ILE A 52 19.27 -10.84 -2.80
N ARG A 53 20.44 -10.32 -3.15
CA ARG A 53 21.39 -9.82 -2.17
C ARG A 53 20.81 -8.58 -1.52
N GLU A 54 20.14 -7.76 -2.31
CA GLU A 54 19.55 -6.51 -1.84
C GLU A 54 18.29 -6.76 -1.01
N LEU A 55 17.64 -7.89 -1.24
CA LEU A 55 16.40 -8.19 -0.56
C LEU A 55 16.65 -8.65 0.84
N GLN A 56 17.90 -8.96 1.16
CA GLN A 56 18.23 -9.49 2.48
C GLN A 56 17.97 -8.46 3.57
N VAL A 57 17.90 -7.20 3.19
CA VAL A 57 17.70 -6.19 4.22
C VAL A 57 16.29 -6.29 4.79
N LEU A 58 15.41 -6.99 4.08
CA LEU A 58 14.08 -7.26 4.61
C LEU A 58 14.13 -8.02 5.94
N HIS A 59 15.19 -8.78 6.17
CA HIS A 59 15.39 -9.50 7.43
C HIS A 59 15.55 -8.52 8.59
N GLU A 60 15.95 -7.30 8.26
CA GLU A 60 16.20 -6.25 9.26
C GLU A 60 15.04 -5.26 9.32
N CYS A 61 13.94 -5.59 8.65
CA CYS A 61 12.76 -4.72 8.62
C CYS A 61 11.68 -5.28 9.50
N ASN A 62 11.79 -5.01 10.79
CA ASN A 62 10.83 -5.54 11.75
C ASN A 62 10.03 -4.44 12.39
N SER A 63 8.71 -4.53 12.24
CA SER A 63 7.82 -3.51 12.72
C SER A 63 6.43 -4.09 12.80
N PRO A 64 5.65 -3.62 13.79
CA PRO A 64 4.25 -4.03 13.81
C PRO A 64 3.53 -3.49 12.58
N TYR A 65 4.14 -2.54 11.89
CA TYR A 65 3.47 -1.87 10.79
C TYR A 65 4.06 -2.29 9.45
N ILE A 66 4.94 -3.28 9.47
CA ILE A 66 5.56 -3.75 8.24
C ILE A 66 5.44 -5.26 8.19
N VAL A 67 5.02 -5.77 7.04
CA VAL A 67 4.85 -7.20 6.84
C VAL A 67 6.17 -7.96 7.03
N GLY A 68 6.10 -9.06 7.77
CA GLY A 68 7.26 -9.86 8.10
C GLY A 68 7.90 -10.54 6.90
N PHE A 69 9.21 -10.70 6.99
CA PHE A 69 9.95 -11.35 5.93
C PHE A 69 10.49 -12.68 6.41
N TYR A 70 10.37 -13.72 5.59
CA TYR A 70 10.98 -14.99 5.90
C TYR A 70 12.26 -15.18 5.12
N GLY A 71 12.26 -14.81 3.86
CA GLY A 71 13.43 -15.05 3.05
C GLY A 71 13.16 -14.92 1.57
N ALA A 72 14.23 -14.78 0.80
CA ALA A 72 14.10 -14.56 -0.63
C ALA A 72 15.10 -15.37 -1.43
N PHE A 73 14.65 -15.85 -2.59
CA PHE A 73 15.51 -16.64 -3.46
C PHE A 73 15.03 -16.60 -4.92
N TYR A 74 15.87 -17.12 -5.83
CA TYR A 74 15.56 -17.21 -7.26
C TYR A 74 15.32 -18.66 -7.69
N SER A 75 14.25 -18.92 -8.46
CA SER A 75 13.85 -20.28 -8.81
C SER A 75 14.03 -20.58 -10.30
N ASP A 76 12.96 -20.47 -11.09
CA ASP A 76 13.11 -20.70 -12.52
C ASP A 76 12.52 -19.55 -13.33
N GLY A 77 13.34 -18.52 -13.53
CA GLY A 77 12.88 -17.30 -14.18
C GLY A 77 12.06 -16.42 -13.26
N GLU A 78 12.11 -16.71 -11.95
CA GLU A 78 11.30 -15.99 -10.98
C GLU A 78 11.99 -15.83 -9.65
N ILE A 79 12.03 -14.60 -9.15
CA ILE A 79 12.51 -14.38 -7.80
C ILE A 79 11.30 -14.47 -6.88
N SER A 80 11.48 -15.17 -5.76
CA SER A 80 10.40 -15.37 -4.80
C SER A 80 10.71 -14.52 -3.59
N ILE A 81 9.66 -13.95 -3.02
CA ILE A 81 9.78 -13.30 -1.75
C ILE A 81 8.80 -14.00 -0.86
N CYS A 82 9.29 -14.52 0.25
CA CYS A 82 8.42 -15.21 1.20
C CYS A 82 8.13 -14.34 2.42
N MET A 83 6.86 -14.18 2.72
CA MET A 83 6.47 -13.25 3.77
C MET A 83 5.28 -13.74 4.57
N GLU A 84 5.08 -13.05 5.70
CA GLU A 84 3.95 -13.26 6.57
C GLU A 84 2.66 -13.35 5.78
N HIS A 85 1.94 -14.45 5.96
CA HIS A 85 0.61 -14.54 5.44
C HIS A 85 -0.27 -13.61 6.29
N MET A 86 -0.98 -12.70 5.63
CA MET A 86 -1.94 -11.85 6.34
C MET A 86 -3.33 -12.36 6.05
N ASP A 87 -3.88 -13.12 6.98
CA ASP A 87 -5.14 -13.81 6.78
C ASP A 87 -6.33 -12.89 6.47
N GLY A 88 -6.14 -11.58 6.56
CA GLY A 88 -7.20 -10.62 6.30
C GLY A 88 -7.11 -9.94 4.95
N GLY A 89 -6.05 -10.21 4.19
CA GLY A 89 -5.92 -9.63 2.87
C GLY A 89 -5.54 -8.16 2.80
N SER A 90 -5.70 -7.57 1.60
CA SER A 90 -5.37 -6.18 1.37
C SER A 90 -6.62 -5.36 1.59
N LEU A 91 -6.44 -4.09 1.88
CA LEU A 91 -7.55 -3.19 2.11
C LEU A 91 -8.37 -3.05 0.84
N ASP A 92 -7.69 -3.22 -0.30
CA ASP A 92 -8.33 -3.33 -1.61
C ASP A 92 -9.45 -4.38 -1.61
N GLN A 93 -9.12 -5.57 -1.11
CA GLN A 93 -10.06 -6.67 -0.94
C GLN A 93 -11.18 -6.33 0.06
N VAL A 94 -10.81 -5.85 1.23
CA VAL A 94 -11.84 -5.49 2.21
C VAL A 94 -12.72 -4.34 1.73
N LEU A 95 -12.17 -3.42 0.94
CA LEU A 95 -12.99 -2.37 0.36
C LEU A 95 -14.09 -2.96 -0.52
N LYS A 96 -13.78 -4.04 -1.24
CA LYS A 96 -14.77 -4.68 -2.12
C LYS A 96 -16.02 -5.16 -1.38
N LYS A 97 -15.83 -5.89 -0.27
CA LYS A 97 -16.97 -6.38 0.49
C LYS A 97 -17.61 -5.27 1.33
N ALA A 98 -16.77 -4.41 1.89
CA ALA A 98 -17.22 -3.35 2.79
C ALA A 98 -17.95 -2.21 2.11
N GLY A 99 -17.64 -1.97 0.83
CA GLY A 99 -18.22 -0.86 0.10
C GLY A 99 -17.54 0.45 0.40
N ARG A 100 -17.64 0.88 1.65
CA ARG A 100 -16.89 2.02 2.17
C ARG A 100 -16.15 1.55 3.38
N ILE A 101 -15.20 2.36 3.85
CA ILE A 101 -14.60 2.08 5.13
C ILE A 101 -14.90 3.26 6.04
N PRO A 102 -15.37 2.96 7.26
CA PRO A 102 -15.72 3.98 8.23
C PRO A 102 -14.50 4.86 8.52
N GLU A 103 -14.75 6.15 8.69
CA GLU A 103 -13.72 7.10 9.05
C GLU A 103 -12.90 6.66 10.26
N GLN A 104 -13.57 6.04 11.23
CA GLN A 104 -12.90 5.62 12.45
C GLN A 104 -11.83 4.59 12.13
N ILE A 105 -12.20 3.60 11.34
CA ILE A 105 -11.22 2.63 10.88
C ILE A 105 -10.10 3.32 10.10
N LEU A 106 -10.47 4.14 9.14
CA LEU A 106 -9.48 4.77 8.30
C LEU A 106 -8.44 5.50 9.12
N GLY A 107 -8.88 6.06 10.25
CA GLY A 107 -7.97 6.77 11.14
C GLY A 107 -6.95 5.80 11.70
N LYS A 108 -7.39 4.58 11.98
CA LYS A 108 -6.47 3.55 12.46
C LYS A 108 -5.50 3.13 11.36
N VAL A 109 -6.00 3.05 10.12
CA VAL A 109 -5.18 2.73 8.96
C VAL A 109 -4.15 3.82 8.75
N SER A 110 -4.61 5.04 8.83
CA SER A 110 -3.72 6.18 8.65
C SER A 110 -2.54 6.11 9.60
N ILE A 111 -2.82 5.80 10.87
CA ILE A 111 -1.77 5.68 11.86
C ILE A 111 -0.73 4.66 11.44
N ALA A 112 -1.20 3.49 11.04
CA ALA A 112 -0.30 2.44 10.58
C ALA A 112 0.56 2.86 9.40
N VAL A 113 -0.03 3.53 8.41
CA VAL A 113 0.70 3.87 7.23
C VAL A 113 1.81 4.87 7.55
N ILE A 114 1.49 5.83 8.41
CA ILE A 114 2.45 6.86 8.79
C ILE A 114 3.60 6.26 9.56
N LYS A 115 3.27 5.42 10.53
CA LYS A 115 4.30 4.84 11.36
C LYS A 115 5.17 3.92 10.50
N GLY A 116 4.53 3.25 9.56
CA GLY A 116 5.25 2.34 8.67
C GLY A 116 6.19 3.05 7.70
N LEU A 117 5.70 4.12 7.09
CA LEU A 117 6.56 4.89 6.21
C LEU A 117 7.68 5.49 7.01
N THR A 118 7.37 5.90 8.24
CA THR A 118 8.36 6.54 9.12
C THR A 118 9.44 5.54 9.49
N TYR A 119 9.00 4.33 9.80
CA TYR A 119 9.93 3.28 10.11
C TYR A 119 10.88 3.05 8.94
N LEU A 120 10.32 2.90 7.74
CA LEU A 120 11.12 2.59 6.59
C LEU A 120 12.07 3.73 6.30
N ARG A 121 11.59 4.95 6.45
CA ARG A 121 12.46 6.09 6.22
C ARG A 121 13.54 6.22 7.30
N GLU A 122 13.12 6.30 8.56
CA GLU A 122 14.06 6.55 9.66
C GLU A 122 15.11 5.47 9.88
N LYS A 123 14.72 4.20 9.78
CA LYS A 123 15.63 3.11 10.11
C LYS A 123 16.32 2.47 8.91
N HIS A 124 15.84 2.78 7.69
CA HIS A 124 16.39 2.20 6.46
C HIS A 124 16.56 3.15 5.25
N LYS A 125 16.10 4.38 5.38
CA LYS A 125 16.21 5.34 4.28
C LYS A 125 15.58 4.72 3.04
N ILE A 126 14.42 4.12 3.22
CA ILE A 126 13.69 3.47 2.16
C ILE A 126 12.39 4.22 1.95
N MET A 127 12.10 4.61 0.71
CA MET A 127 10.78 5.13 0.42
C MET A 127 9.90 3.99 -0.10
N HIS A 128 8.60 4.07 0.18
CA HIS A 128 7.70 2.99 -0.21
C HIS A 128 7.61 2.81 -1.73
N ARG A 129 7.17 3.85 -2.43
CA ARG A 129 7.13 3.92 -3.91
C ARG A 129 5.88 3.34 -4.51
N ASP A 130 5.11 2.60 -3.71
CA ASP A 130 3.89 2.01 -4.21
C ASP A 130 2.86 1.87 -3.12
N VAL A 131 2.36 3.01 -2.67
CA VAL A 131 1.32 3.02 -1.66
C VAL A 131 -0.05 3.05 -2.33
N LYS A 132 -0.85 2.03 -2.08
CA LYS A 132 -2.25 1.97 -2.52
C LYS A 132 -2.94 0.91 -1.64
N PRO A 133 -4.27 0.80 -1.72
CA PRO A 133 -4.97 -0.12 -0.81
C PRO A 133 -4.54 -1.60 -0.87
N SER A 134 -4.00 -2.05 -1.99
CA SER A 134 -3.68 -3.47 -2.12
C SER A 134 -2.33 -3.81 -1.50
N ASN A 135 -1.53 -2.80 -1.20
CA ASN A 135 -0.27 -3.01 -0.51
C ASN A 135 -0.33 -2.57 0.94
N ILE A 136 -1.55 -2.47 1.47
CA ILE A 136 -1.77 -2.37 2.90
C ILE A 136 -2.51 -3.62 3.33
N LEU A 137 -1.82 -4.51 4.03
CA LEU A 137 -2.42 -5.78 4.46
C LEU A 137 -2.96 -5.74 5.89
N VAL A 138 -3.96 -6.57 6.16
CA VAL A 138 -4.55 -6.64 7.48
C VAL A 138 -4.69 -8.08 7.89
N ASN A 139 -4.71 -8.35 9.19
CA ASN A 139 -4.99 -9.71 9.65
C ASN A 139 -5.97 -9.68 10.79
N SER A 140 -6.29 -10.87 11.29
CA SER A 140 -7.32 -11.05 12.31
C SER A 140 -6.95 -10.56 13.71
N ARG A 141 -5.66 -10.40 13.99
CA ARG A 141 -5.24 -9.83 15.25
C ARG A 141 -5.44 -8.31 15.21
N GLY A 142 -5.95 -7.82 14.09
CA GLY A 142 -6.23 -6.40 13.91
C GLY A 142 -5.01 -5.55 13.59
N GLU A 143 -3.94 -6.21 13.17
CA GLU A 143 -2.75 -5.52 12.71
C GLU A 143 -2.93 -5.01 11.26
N ILE A 144 -2.26 -3.90 10.98
CA ILE A 144 -2.28 -3.26 9.68
C ILE A 144 -0.83 -3.06 9.27
N LYS A 145 -0.43 -3.61 8.12
CA LYS A 145 0.96 -3.57 7.73
C LYS A 145 1.17 -3.26 6.25
N LEU A 146 2.30 -2.63 5.94
CA LEU A 146 2.67 -2.30 4.56
C LEU A 146 3.50 -3.40 3.91
N CYS A 147 3.33 -3.62 2.62
CA CYS A 147 4.19 -4.56 1.88
C CYS A 147 4.55 -3.95 0.56
N ASP A 148 5.32 -4.71 -0.23
CA ASP A 148 5.58 -4.38 -1.61
C ASP A 148 6.20 -2.98 -1.70
N PHE A 149 7.11 -2.69 -0.79
CA PHE A 149 7.83 -1.41 -0.80
C PHE A 149 9.23 -1.54 -1.41
N GLY A 150 9.84 -0.42 -1.77
CA GLY A 150 11.03 -0.45 -2.60
C GLY A 150 12.35 -0.72 -1.91
N VAL A 151 12.53 -1.94 -1.43
CA VAL A 151 13.75 -2.35 -0.75
C VAL A 151 14.96 -2.42 -1.67
N SER A 152 14.77 -3.06 -2.82
CA SER A 152 15.90 -3.38 -3.68
C SER A 152 15.90 -2.43 -4.86
N GLY A 153 16.98 -1.68 -4.99
CA GLY A 153 17.09 -0.73 -6.08
C GLY A 153 17.04 -1.44 -7.41
N GLN A 154 17.77 -2.55 -7.51
CA GLN A 154 17.91 -3.23 -8.78
C GLN A 154 16.60 -3.83 -9.22
N LEU A 155 15.76 -4.21 -8.27
CA LEU A 155 14.48 -4.81 -8.62
C LEU A 155 13.62 -3.72 -9.22
N ILE A 156 13.68 -2.54 -8.59
CA ILE A 156 13.03 -1.35 -9.07
C ILE A 156 13.39 -1.16 -10.55
N ASP A 157 14.67 -1.12 -10.86
CA ASP A 157 15.12 -0.96 -12.24
C ASP A 157 14.63 -2.04 -13.19
N SER A 158 14.58 -3.28 -12.70
CA SER A 158 14.22 -4.40 -13.56
C SER A 158 12.73 -4.50 -13.85
N MET A 159 11.93 -3.70 -13.15
CA MET A 159 10.50 -3.76 -13.37
C MET A 159 9.97 -2.56 -14.18
N ALA A 160 10.85 -1.59 -14.43
CA ALA A 160 10.61 -0.41 -15.28
C ALA A 160 9.22 -0.25 -15.91
N VAL A 164 1.43 -0.57 -15.56
CA VAL A 164 0.98 0.81 -15.38
C VAL A 164 -0.51 0.89 -15.03
N GLY A 165 -1.36 0.32 -15.89
CA GLY A 165 -2.78 0.16 -15.59
C GLY A 165 -3.77 1.26 -16.01
N THR A 166 -4.86 1.34 -15.25
CA THR A 166 -5.99 2.22 -15.55
C THR A 166 -6.31 3.10 -14.34
N ARG A 167 -5.42 3.09 -13.35
CA ARG A 167 -5.56 3.86 -12.12
C ARG A 167 -4.19 4.12 -11.52
N SER A 168 -3.80 5.39 -11.46
CA SER A 168 -2.53 5.75 -10.89
C SER A 168 -2.73 6.20 -9.46
N TYR A 169 -1.81 5.81 -8.58
CA TYR A 169 -1.74 6.42 -7.27
C TYR A 169 -0.48 7.23 -7.24
N MET A 170 0.02 7.59 -8.40
CA MET A 170 1.22 8.38 -8.47
C MET A 170 0.96 9.86 -8.30
N SER A 171 1.82 10.50 -7.51
CA SER A 171 1.79 11.94 -7.33
C SER A 171 1.99 12.64 -8.66
N PRO A 172 1.53 13.89 -8.75
CA PRO A 172 1.69 14.67 -9.98
C PRO A 172 3.15 14.85 -10.35
N GLU A 173 4.02 15.02 -9.36
CA GLU A 173 5.42 15.25 -9.65
C GLU A 173 6.09 14.00 -10.26
N ARG A 174 5.69 12.84 -9.78
CA ARG A 174 6.24 11.61 -10.30
C ARG A 174 5.70 11.29 -11.69
N LEU A 175 4.45 11.67 -11.96
CA LEU A 175 3.88 11.47 -13.27
C LEU A 175 4.59 12.34 -14.28
N GLN A 176 5.12 13.47 -13.81
CA GLN A 176 5.67 14.44 -14.73
C GLN A 176 7.15 14.33 -14.94
N GLY A 177 7.81 13.56 -14.10
CA GLY A 177 9.24 13.47 -14.26
C GLY A 177 9.93 12.55 -13.30
N THR A 178 11.18 12.90 -13.02
CA THR A 178 12.05 12.11 -12.17
C THR A 178 12.30 12.89 -10.89
N HIS A 179 11.80 14.12 -10.87
CA HIS A 179 11.93 14.97 -9.70
C HIS A 179 10.92 14.56 -8.64
N TYR A 180 11.10 13.37 -8.05
CA TYR A 180 10.22 12.91 -6.96
C TYR A 180 10.98 12.30 -5.81
N SER A 181 10.32 12.16 -4.67
CA SER A 181 10.91 11.41 -3.58
C SER A 181 9.87 10.99 -2.56
N VAL A 182 10.22 11.05 -1.29
CA VAL A 182 9.37 10.49 -0.24
C VAL A 182 8.04 11.22 -0.09
N GLN A 183 8.01 12.50 -0.45
CA GLN A 183 6.75 13.24 -0.45
C GLN A 183 5.68 12.61 -1.35
N SER A 184 6.15 11.88 -2.34
CA SER A 184 5.30 11.22 -3.31
C SER A 184 4.42 10.15 -2.62
N ASP A 185 4.98 9.51 -1.60
CA ASP A 185 4.24 8.50 -0.85
C ASP A 185 3.08 9.13 -0.10
N ILE A 186 3.26 10.37 0.30
CA ILE A 186 2.22 11.07 1.05
C ILE A 186 1.03 11.23 0.16
N TRP A 187 1.26 11.56 -1.10
CA TRP A 187 0.17 11.72 -2.04
C TRP A 187 -0.55 10.41 -2.23
N SER A 188 0.22 9.36 -2.46
CA SER A 188 -0.37 8.05 -2.70
C SER A 188 -1.29 7.66 -1.54
N MET A 189 -0.83 7.91 -0.32
CA MET A 189 -1.65 7.70 0.85
C MET A 189 -2.97 8.50 0.80
N GLY A 190 -2.85 9.80 0.61
CA GLY A 190 -4.01 10.66 0.57
C GLY A 190 -5.06 10.10 -0.35
N LEU A 191 -4.65 9.79 -1.57
CA LEU A 191 -5.57 9.26 -2.55
C LEU A 191 -6.18 7.95 -2.10
N SER A 192 -5.36 7.05 -1.55
CA SER A 192 -5.88 5.76 -1.11
C SER A 192 -6.96 5.94 -0.07
N LEU A 193 -6.76 6.90 0.82
CA LEU A 193 -7.73 7.12 1.88
C LEU A 193 -9.05 7.63 1.32
N VAL A 194 -8.97 8.60 0.43
CA VAL A 194 -10.18 9.09 -0.20
C VAL A 194 -10.88 7.95 -0.92
N GLU A 195 -10.11 7.04 -1.51
CA GLU A 195 -10.74 5.97 -2.25
C GLU A 195 -11.45 5.04 -1.30
N MET A 196 -10.79 4.72 -0.20
CA MET A 196 -11.36 3.82 0.79
C MET A 196 -12.51 4.50 1.50
N ALA A 197 -12.37 5.81 1.66
CA ALA A 197 -13.39 6.62 2.29
C ALA A 197 -14.69 6.56 1.51
N VAL A 198 -14.58 6.65 0.20
CA VAL A 198 -15.72 6.89 -0.66
C VAL A 198 -16.29 5.62 -1.28
N GLY A 199 -15.42 4.68 -1.60
CA GLY A 199 -15.87 3.41 -2.12
C GLY A 199 -15.42 3.15 -3.55
N ARG A 200 -14.76 4.14 -4.15
CA ARG A 200 -14.19 3.96 -5.48
C ARG A 200 -13.04 4.90 -5.71
N TYR A 201 -12.26 4.61 -6.74
CA TYR A 201 -11.15 5.47 -7.12
C TYR A 201 -11.66 6.90 -7.37
N PRO A 202 -11.11 7.88 -6.63
CA PRO A 202 -11.65 9.24 -6.54
C PRO A 202 -11.50 10.12 -7.79
N ILE A 203 -10.94 9.58 -8.86
CA ILE A 203 -10.76 10.38 -10.08
C ILE A 203 -11.43 9.71 -11.28
N PRO A 204 -12.29 10.45 -11.99
CA PRO A 204 -12.68 11.83 -11.69
C PRO A 204 -13.62 11.89 -10.50
N PRO A 205 -13.68 13.04 -9.84
CA PRO A 205 -14.49 13.19 -8.63
C PRO A 205 -15.96 12.99 -8.97
N PRO A 206 -16.74 12.50 -7.99
CA PRO A 206 -18.15 12.15 -8.20
C PRO A 206 -19.02 13.36 -8.50
N ASP A 207 -20.04 13.15 -9.33
CA ASP A 207 -21.06 14.16 -9.60
C ASP A 207 -21.87 14.41 -8.33
N ALA A 208 -22.42 15.63 -8.20
CA ALA A 208 -23.28 15.97 -7.09
C ALA A 208 -24.37 14.91 -6.90
N LYS A 209 -24.89 14.40 -8.03
CA LYS A 209 -25.80 13.27 -8.03
C LYS A 209 -25.20 12.08 -7.31
N GLU A 210 -24.24 11.44 -7.99
CA GLU A 210 -23.45 10.32 -7.48
C GLU A 210 -23.16 10.36 -5.97
N LEU A 211 -23.06 11.57 -5.42
CA LEU A 211 -22.83 11.76 -4.00
C LEU A 211 -24.08 11.52 -3.17
N GLU A 212 -25.21 12.12 -3.59
CA GLU A 212 -26.48 11.93 -2.88
C GLU A 212 -26.88 10.46 -2.96
N LEU A 213 -26.41 9.78 -4.00
CA LEU A 213 -26.64 8.35 -4.19
C LEU A 213 -25.89 7.48 -3.19
N MET A 214 -24.61 7.76 -2.99
CA MET A 214 -23.80 7.07 -2.00
C MET A 214 -24.33 7.33 -0.59
N PHE A 215 -24.65 8.60 -0.31
CA PHE A 215 -25.09 9.03 1.03
C PHE A 215 -26.55 9.51 1.05
N PRO A 246 -17.74 6.60 -18.64
CA PRO A 246 -17.05 5.30 -18.66
C PRO A 246 -15.69 5.39 -17.99
N PRO A 247 -15.01 4.24 -17.79
CA PRO A 247 -13.63 4.25 -17.28
C PRO A 247 -12.77 5.16 -18.15
N MET A 248 -11.88 5.91 -17.53
CA MET A 248 -11.15 6.96 -18.25
C MET A 248 -10.04 6.46 -19.16
N ALA A 249 -9.76 7.24 -20.20
CA ALA A 249 -8.61 6.99 -21.04
C ALA A 249 -7.37 7.38 -20.26
N ILE A 250 -6.29 6.65 -20.51
CA ILE A 250 -5.04 6.83 -19.81
C ILE A 250 -4.63 8.29 -19.67
N PHE A 251 -4.37 8.92 -20.81
CA PHE A 251 -3.93 10.30 -20.80
C PHE A 251 -4.97 11.20 -20.12
N GLU A 252 -6.22 11.02 -20.49
CA GLU A 252 -7.32 11.76 -19.89
C GLU A 252 -7.27 11.74 -18.36
N LEU A 253 -6.73 10.68 -17.80
CA LEU A 253 -6.73 10.54 -16.36
C LEU A 253 -5.48 11.14 -15.75
N LEU A 254 -4.35 10.90 -16.39
CA LEU A 254 -3.11 11.42 -15.90
C LEU A 254 -3.17 12.90 -16.05
N ASP A 255 -3.76 13.35 -17.16
CA ASP A 255 -3.90 14.77 -17.41
C ASP A 255 -4.76 15.40 -16.33
N TYR A 256 -5.75 14.67 -15.84
CA TYR A 256 -6.53 15.17 -14.72
C TYR A 256 -5.67 15.35 -13.47
N ILE A 257 -5.05 14.26 -13.02
CA ILE A 257 -4.20 14.26 -11.85
C ILE A 257 -3.20 15.42 -11.83
N VAL A 258 -2.56 15.66 -12.96
CA VAL A 258 -1.45 16.62 -12.92
C VAL A 258 -1.89 18.06 -13.14
N ASN A 259 -3.14 18.26 -13.53
CA ASN A 259 -3.58 19.58 -14.01
C ASN A 259 -4.88 20.09 -13.45
N GLU A 260 -5.70 19.20 -12.96
CA GLU A 260 -6.92 19.64 -12.32
C GLU A 260 -6.67 19.73 -10.83
N PRO A 261 -7.48 20.53 -10.13
CA PRO A 261 -7.35 20.52 -8.68
C PRO A 261 -7.56 19.10 -8.17
N PRO A 262 -6.91 18.76 -7.04
CA PRO A 262 -6.92 17.45 -6.42
C PRO A 262 -8.22 17.07 -5.75
N PRO A 263 -8.43 15.78 -5.56
CA PRO A 263 -9.66 15.27 -4.95
C PRO A 263 -9.77 15.66 -3.48
N LYS A 264 -10.99 15.61 -2.98
CA LYS A 264 -11.30 16.14 -1.68
C LYS A 264 -12.34 15.23 -1.10
N LEU A 265 -12.31 15.11 0.22
CA LEU A 265 -13.38 14.49 0.92
C LEU A 265 -14.62 15.37 0.75
N PRO A 266 -15.74 14.76 0.36
CA PRO A 266 -16.99 15.49 0.17
C PRO A 266 -17.44 16.11 1.48
N SER A 267 -17.85 17.37 1.44
CA SER A 267 -18.20 18.09 2.65
C SER A 267 -19.30 17.40 3.45
N GLY A 268 -19.43 17.73 4.72
CA GLY A 268 -20.55 17.26 5.50
C GLY A 268 -20.38 15.95 6.23
N VAL A 269 -20.21 14.84 5.49
CA VAL A 269 -20.21 13.52 6.13
C VAL A 269 -18.85 12.99 6.63
N PHE A 270 -17.85 13.85 6.63
CA PHE A 270 -16.56 13.51 7.24
C PHE A 270 -16.13 14.65 8.10
N SER A 271 -15.52 14.32 9.25
CA SER A 271 -15.09 15.32 10.21
C SER A 271 -14.22 16.36 9.53
N LEU A 272 -14.27 17.59 10.02
CA LEU A 272 -13.47 18.64 9.41
C LEU A 272 -12.00 18.29 9.46
N GLU A 273 -11.60 17.59 10.53
CA GLU A 273 -10.22 17.15 10.73
C GLU A 273 -9.73 16.15 9.68
N PHE A 274 -10.56 15.16 9.35
CA PHE A 274 -10.23 14.22 8.29
C PHE A 274 -10.03 14.94 6.97
N GLN A 275 -10.97 15.84 6.64
CA GLN A 275 -10.89 16.60 5.40
C GLN A 275 -9.60 17.38 5.32
N ASP A 276 -9.19 17.99 6.43
CA ASP A 276 -7.94 18.74 6.39
C ASP A 276 -6.76 17.79 6.21
N PHE A 277 -6.81 16.66 6.91
CA PHE A 277 -5.76 15.67 6.82
C PHE A 277 -5.49 15.30 5.37
N VAL A 278 -6.51 14.82 4.67
CA VAL A 278 -6.30 14.44 3.29
C VAL A 278 -5.95 15.63 2.40
N ASN A 279 -6.51 16.80 2.68
CA ASN A 279 -6.19 17.95 1.86
C ASN A 279 -4.71 18.27 1.97
N LYS A 280 -4.15 18.08 3.16
CA LYS A 280 -2.73 18.29 3.38
C LYS A 280 -1.89 17.25 2.65
N CYS A 281 -2.44 16.06 2.47
CA CYS A 281 -1.75 14.97 1.77
C CYS A 281 -1.80 15.14 0.25
N LEU A 282 -2.84 15.82 -0.21
CA LEU A 282 -3.07 15.90 -1.65
C LEU A 282 -2.71 17.26 -2.23
N ILE A 283 -1.84 17.99 -1.56
CA ILE A 283 -1.37 19.24 -2.10
C ILE A 283 -0.46 18.88 -3.27
N LYS A 284 -0.66 19.56 -4.39
CA LYS A 284 0.05 19.25 -5.63
C LYS A 284 1.55 19.54 -5.58
N ASN A 285 1.93 20.60 -4.87
CA ASN A 285 3.34 20.95 -4.71
C ASN A 285 3.91 20.09 -3.59
N PRO A 286 4.87 19.22 -3.92
CA PRO A 286 5.41 18.30 -2.91
C PRO A 286 6.12 18.98 -1.73
N ALA A 287 6.62 20.19 -1.90
CA ALA A 287 7.25 20.93 -0.81
C ALA A 287 6.22 21.62 0.10
N GLU A 288 5.07 21.96 -0.46
CA GLU A 288 3.96 22.51 0.34
C GLU A 288 3.20 21.39 1.05
N ARG A 289 3.12 20.23 0.40
CA ARG A 289 2.47 19.04 0.94
C ARG A 289 2.98 18.67 2.32
N ALA A 290 2.10 18.18 3.17
CA ALA A 290 2.49 17.78 4.52
C ALA A 290 3.56 16.68 4.45
N ASP A 291 4.38 16.57 5.48
CA ASP A 291 5.32 15.46 5.53
C ASP A 291 4.99 14.51 6.67
N LEU A 292 5.74 13.42 6.82
CA LEU A 292 5.45 12.44 7.85
C LEU A 292 5.44 13.08 9.24
N LYS A 293 6.47 13.85 9.55
CA LYS A 293 6.58 14.64 10.81
C LYS A 293 5.26 15.32 11.10
N GLN A 294 4.83 16.16 10.15
CA GLN A 294 3.64 16.97 10.34
C GLN A 294 2.37 16.14 10.50
N LEU A 295 2.15 15.18 9.60
CA LEU A 295 0.95 14.34 9.67
C LEU A 295 0.85 13.57 10.99
N MET A 296 1.99 13.28 11.59
CA MET A 296 1.98 12.45 12.80
C MET A 296 1.34 13.18 13.97
N VAL A 297 1.33 14.50 13.92
CA VAL A 297 0.82 15.32 15.02
C VAL A 297 -0.38 16.13 14.55
N HIS A 298 -1.01 15.66 13.49
CA HIS A 298 -2.16 16.34 12.93
C HIS A 298 -3.39 16.06 13.79
N ALA A 299 -4.31 17.02 13.84
CA ALA A 299 -5.55 16.86 14.60
C ALA A 299 -6.18 15.48 14.41
N PHE A 300 -6.30 15.06 13.16
CA PHE A 300 -6.97 13.80 12.84
C PHE A 300 -6.27 12.60 13.46
N ILE A 301 -4.95 12.62 13.43
CA ILE A 301 -4.19 11.51 13.98
C ILE A 301 -4.29 11.49 15.49
N LYS A 302 -4.06 12.64 16.09
CA LYS A 302 -4.18 12.75 17.54
C LYS A 302 -5.55 12.25 17.97
N ARG A 303 -6.60 12.66 17.25
CA ARG A 303 -7.94 12.19 17.60
C ARG A 303 -8.14 10.68 17.39
N SER A 304 -7.54 10.12 16.35
CA SER A 304 -7.74 8.70 16.07
C SER A 304 -6.94 7.85 17.04
N ASP A 305 -5.79 8.38 17.44
CA ASP A 305 -4.94 7.76 18.42
C ASP A 305 -5.72 7.46 19.71
N ALA A 306 -6.62 8.37 20.08
CA ALA A 306 -7.37 8.25 21.31
C ALA A 306 -8.53 7.26 21.20
N GLU A 307 -9.15 7.23 20.03
CA GLU A 307 -10.37 6.44 19.83
C GLU A 307 -10.19 4.96 20.10
N GLU A 308 -11.14 4.41 20.86
CA GLU A 308 -11.21 2.98 21.12
C GLU A 308 -11.94 2.31 19.96
N VAL A 309 -11.18 1.58 19.14
CA VAL A 309 -11.73 0.95 17.95
C VAL A 309 -11.34 -0.51 17.91
N ASP A 310 -12.35 -1.36 17.90
CA ASP A 310 -12.11 -2.79 17.75
C ASP A 310 -11.93 -3.07 16.27
N PHE A 311 -10.76 -2.73 15.75
CA PHE A 311 -10.49 -2.92 14.32
C PHE A 311 -10.64 -4.37 13.92
N ALA A 312 -10.05 -5.24 14.73
CA ALA A 312 -10.16 -6.68 14.53
C ALA A 312 -11.62 -7.11 14.43
N GLY A 313 -12.45 -6.66 15.37
CA GLY A 313 -13.86 -7.01 15.39
C GLY A 313 -14.58 -6.57 14.13
N TRP A 314 -14.28 -5.36 13.67
CA TRP A 314 -14.95 -4.83 12.49
C TRP A 314 -14.53 -5.55 11.21
N LEU A 315 -13.27 -5.97 11.16
CA LEU A 315 -12.70 -6.62 9.99
C LEU A 315 -13.39 -7.94 9.68
N CYS A 316 -13.44 -8.80 10.69
CA CYS A 316 -13.99 -10.14 10.53
C CYS A 316 -15.48 -10.08 10.31
N SER A 317 -16.15 -9.20 11.06
CA SER A 317 -17.54 -8.86 10.81
C SER A 317 -17.78 -8.57 9.32
N THR A 318 -16.90 -7.74 8.75
CA THR A 318 -16.89 -7.46 7.32
C THR A 318 -16.58 -8.69 6.44
N ILE A 319 -16.15 -9.80 7.04
CA ILE A 319 -15.98 -11.08 6.31
C ILE A 319 -16.44 -12.34 7.08
PG ANP B . -0.51 -4.42 -8.14
O1G ANP B . -0.97 -3.44 -9.32
O2G ANP B . 0.38 -5.48 -8.66
O3G ANP B . 0.33 -3.61 -7.02
PB ANP B . -1.64 -6.09 -6.19
O1B ANP B . -1.12 -5.29 -4.90
O2B ANP B . -2.94 -6.77 -5.99
N3B ANP B . -1.91 -5.06 -7.49
PA ANP B . 0.28 -8.31 -5.78
O1A ANP B . 1.34 -7.71 -4.93
O2A ANP B . 1.03 -9.23 -6.85
O3A ANP B . -0.50 -7.14 -6.54
O5' ANP B . -0.75 -9.15 -4.90
C5' ANP B . -2.05 -9.51 -5.35
C4' ANP B . -2.91 -9.86 -4.12
O4' ANP B . -2.23 -10.86 -3.35
C3' ANP B . -3.06 -8.63 -3.19
O3' ANP B . -4.20 -7.81 -3.50
C2' ANP B . -3.33 -9.33 -1.86
O2' ANP B . -4.73 -9.54 -1.81
C1' ANP B . -2.60 -10.68 -1.96
N9 ANP B . -1.41 -10.68 -1.13
C8 ANP B . -0.19 -10.18 -1.43
N7 ANP B . 0.63 -10.37 -0.43
C5 ANP B . -0.02 -11.00 0.58
C6 ANP B . 0.33 -11.45 1.87
N6 ANP B . 1.61 -11.27 2.36
N1 ANP B . -0.61 -12.04 2.62
C2 ANP B . -1.85 -12.21 2.18
N3 ANP B . -2.20 -11.81 0.97
C4 ANP B . -1.34 -11.20 0.15
H4' ANP B . -3.89 -10.21 -4.44
H3' ANP B . -2.14 -8.05 -3.15
H2' ANP B . -2.97 -8.74 -1.02
H1' ANP B . -3.27 -11.49 -1.66
O3 3EX C . 4.41 -5.32 -6.62
C4 3EX C . 9.66 -4.11 -5.00
C5 3EX C . 9.78 -5.00 -3.97
O4 3EX C . 2.61 -7.47 -8.71
C6 3EX C . 8.51 -5.61 -3.92
N1 3EX C . 12.03 -4.28 -3.62
C7 3EX C . 7.68 -5.10 -4.93
C8 3EX C . 6.29 -5.46 -5.29
N2 3EX C . 5.69 -4.91 -6.34
C9 3EX C . 4.03 -5.66 -7.96
C10 3EX C . 8.08 -6.74 -1.76
C11 3EX C . 8.73 -5.80 -0.96
C12 3EX C . 8.78 -5.96 0.41
N3 3EX C . 8.02 -6.62 -3.11
C13 3EX C . 8.19 -7.06 1.02
C14 3EX C . 7.53 -8.00 0.23
C15 3EX C . 7.47 -7.84 -1.15
F1 3EX C . 6.84 -8.76 -1.91
C16 3EX C . 8.26 -7.18 2.51
C18 3EX C . 8.46 -8.60 2.98
C17 3EX C . 7.08 -7.98 3.02
C3 3EX C . 10.99 -5.08 -3.27
C2 3EX C . 11.92 -3.41 -4.63
O1 3EX C . 8.38 -4.16 -5.60
C1 3EX C . 10.73 -3.30 -5.34
O2 3EX C . 5.73 -6.33 -4.65
C19 3EX C . 3.84 -7.16 -8.04
MG MG D . 1.31 -5.31 -4.99
#